data_9FJQ
#
_entry.id   9FJQ
#
_cell.length_a   42.188
_cell.length_b   41.323
_cell.length_c   71.913
_cell.angle_alpha   90.00
_cell.angle_beta   104.20
_cell.angle_gamma   90.00
#
_symmetry.space_group_name_H-M   'P 1 21 1'
#
loop_
_entity.id
_entity.type
_entity.pdbx_description
1 polymer 'Carbonic anhydrase 2'
2 non-polymer 'ZINC ION'
3 non-polymer 'DIMETHYL SULFOXIDE'
4 non-polymer 5,7,8-tris(fluoranyl)-1,1-bis(oxidanylidene)-4-(phenylmethyl)-2,3-dihydro-1$l^{6},4-benzothiazine-6-sulfonamide
5 water water
#
_entity_poly.entity_id   1
_entity_poly.type   'polypeptide(L)'
_entity_poly.pdbx_seq_one_letter_code
;MSHHWGYGKHNGPEHWHKDFPIAKGERQSPVDIDTHTAKYDPSLKPLSVSYDQATSLRILNNGHAFNVEFDDSQDKAVLK
GGPLDGTYRLIQFHFHWGSLDGQGSEHTVDKKKYAAELHLVHWNTKYGDFGKAVQQPDGLAVLGIFLKVGSAKPGLQKVV
DVLDSIKTKGKSADFTNFDPRGLLPESLDYWTYPGSLTTPPLLECVTWIVLKEPISVSSEQVLKFRKLNFNGEGEPEELM
VDNWRPAQPLKNRQIKASFK
;
_entity_poly.pdbx_strand_id   A
#
loop_
_chem_comp.id
_chem_comp.type
_chem_comp.name
_chem_comp.formula
A1IDL non-polymer 5,7,8-tris(fluoranyl)-1,1-bis(oxidanylidene)-4-(phenylmethyl)-2,3-dihydro-1$l^{6},4-benzothiazine-6-sulfonamide 'C15 H13 F3 N2 O4 S2'
DMS non-polymer 'DIMETHYL SULFOXIDE' 'C2 H6 O S'
ZN non-polymer 'ZINC ION' 'Zn 2'
#
# COMPACT_ATOMS: atom_id res chain seq x y z
N HIS A 3 -6.11 -8.63 23.09
CA HIS A 3 -4.75 -8.83 22.50
C HIS A 3 -4.81 -9.04 20.99
N HIS A 4 -5.19 -7.99 20.25
CA HIS A 4 -5.34 -8.12 18.80
C HIS A 4 -4.00 -7.82 18.16
N TRP A 5 -3.92 -8.16 16.89
CA TRP A 5 -2.69 -7.90 16.15
C TRP A 5 -2.37 -6.41 16.02
N GLY A 6 -1.09 -6.13 15.86
CA GLY A 6 -0.67 -4.76 15.58
C GLY A 6 0.76 -4.77 15.08
N TYR A 7 1.50 -3.74 15.51
CA TYR A 7 2.87 -3.59 15.05
C TYR A 7 3.89 -3.51 16.21
N GLY A 8 3.51 -3.91 17.43
CA GLY A 8 4.45 -3.88 18.57
C GLY A 8 5.22 -5.19 18.85
N LYS A 9 6.19 -4.98 19.74
N LYS A 9 5.94 -5.34 19.97
CA LYS A 9 6.87 -6.03 20.46
CA LYS A 9 6.77 -6.52 20.22
C LYS A 9 5.81 -7.06 20.81
C LYS A 9 5.97 -7.78 20.55
N HIS A 10 4.63 -6.62 21.26
N HIS A 10 4.85 -7.61 21.22
CA HIS A 10 3.83 -7.67 21.85
CA HIS A 10 4.01 -8.70 21.65
C HIS A 10 2.95 -8.47 20.88
C HIS A 10 2.86 -8.84 20.66
N ASN A 11 2.67 -7.88 19.72
CA ASN A 11 1.56 -8.23 18.82
C ASN A 11 1.91 -7.97 17.35
N GLY A 12 3.19 -7.80 17.03
CA GLY A 12 3.58 -7.39 15.69
C GLY A 12 3.79 -8.58 14.78
N PRO A 13 4.38 -8.31 13.60
CA PRO A 13 4.51 -9.30 12.54
C PRO A 13 4.98 -10.69 12.92
N GLU A 14 5.89 -10.81 13.91
CA GLU A 14 6.42 -12.12 14.32
C GLU A 14 5.35 -12.96 15.04
N HIS A 15 4.28 -12.30 15.49
CA HIS A 15 3.22 -12.97 16.22
C HIS A 15 2.03 -13.35 15.34
N TRP A 16 1.90 -12.75 14.15
CA TRP A 16 0.66 -12.83 13.42
C TRP A 16 0.28 -14.27 13.05
N HIS A 17 1.28 -15.12 12.86
CA HIS A 17 1.02 -16.49 12.41
C HIS A 17 0.11 -17.25 13.39
N LYS A 18 0.11 -16.87 14.68
CA LYS A 18 -0.70 -17.63 15.65
C LYS A 18 -2.19 -17.43 15.38
N ASP A 19 -2.64 -16.23 15.00
CA ASP A 19 -4.04 -16.03 14.62
C ASP A 19 -4.29 -16.26 13.14
N PHE A 20 -3.26 -16.08 12.33
CA PHE A 20 -3.37 -16.12 10.88
C PHE A 20 -2.26 -17.02 10.33
N PRO A 21 -2.41 -18.36 10.39
CA PRO A 21 -1.31 -19.25 10.00
CA PRO A 21 -1.35 -19.28 9.98
C PRO A 21 -0.86 -19.12 8.55
N ILE A 22 -1.69 -18.46 7.73
N ILE A 22 -1.67 -18.51 7.65
CA ILE A 22 -1.32 -18.18 6.36
CA ILE A 22 -1.20 -18.26 6.29
C ILE A 22 -0.11 -17.23 6.30
C ILE A 22 0.01 -17.32 6.31
N ALA A 23 0.26 -16.62 7.43
CA ALA A 23 1.44 -15.78 7.53
C ALA A 23 2.69 -16.51 7.06
N LYS A 24 2.71 -17.86 7.21
CA LYS A 24 3.83 -18.68 6.79
C LYS A 24 3.55 -19.39 5.48
N GLY A 25 2.68 -18.79 4.63
CA GLY A 25 2.24 -19.42 3.39
C GLY A 25 3.23 -19.26 2.24
N GLU A 26 2.77 -19.71 1.06
CA GLU A 26 3.62 -19.82 -0.10
C GLU A 26 3.69 -18.55 -0.94
N ARG A 27 2.82 -17.56 -0.68
CA ARG A 27 2.83 -16.36 -1.49
C ARG A 27 2.56 -15.12 -0.63
N GLN A 28 3.40 -14.96 0.41
CA GLN A 28 3.21 -13.83 1.31
C GLN A 28 3.96 -12.60 0.82
N SER A 29 3.42 -11.44 1.23
CA SER A 29 3.99 -10.14 0.91
C SER A 29 4.25 -9.37 2.18
N PRO A 30 5.15 -8.35 2.15
CA PRO A 30 5.95 -7.94 0.99
C PRO A 30 7.17 -8.85 0.80
N VAL A 31 7.97 -8.52 -0.21
CA VAL A 31 9.21 -9.22 -0.51
C VAL A 31 10.27 -8.20 -0.83
N ASP A 32 11.54 -8.62 -0.76
CA ASP A 32 12.63 -7.86 -1.32
C ASP A 32 12.62 -8.09 -2.83
N ILE A 33 12.73 -7.01 -3.58
CA ILE A 33 12.83 -7.05 -5.03
C ILE A 33 14.32 -6.98 -5.37
N ASP A 34 14.86 -8.13 -5.76
N ASP A 34 14.86 -8.12 -5.75
CA ASP A 34 16.23 -8.25 -6.22
CA ASP A 34 16.24 -8.21 -6.17
C ASP A 34 16.23 -7.85 -7.69
C ASP A 34 16.26 -7.86 -7.66
N THR A 35 16.72 -6.62 -7.97
CA THR A 35 16.55 -6.03 -9.29
C THR A 35 17.33 -6.80 -10.33
N HIS A 36 18.43 -7.43 -9.92
CA HIS A 36 19.29 -8.14 -10.85
C HIS A 36 18.65 -9.47 -11.23
N THR A 37 17.82 -10.07 -10.33
CA THR A 37 17.16 -11.37 -10.52
C THR A 37 15.76 -11.28 -11.13
N ALA A 38 15.14 -10.11 -11.05
CA ALA A 38 13.83 -9.91 -11.66
C ALA A 38 14.00 -10.11 -13.16
N LYS A 39 13.05 -10.76 -13.80
CA LYS A 39 13.15 -11.05 -15.22
C LYS A 39 12.38 -10.00 -16.03
N TYR A 40 13.03 -9.29 -16.97
CA TYR A 40 12.28 -8.50 -17.95
C TYR A 40 11.33 -9.42 -18.73
N ASP A 41 10.07 -9.05 -18.82
CA ASP A 41 9.10 -9.83 -19.56
C ASP A 41 8.52 -8.96 -20.66
N PRO A 42 8.95 -9.15 -21.92
CA PRO A 42 8.48 -8.27 -22.99
C PRO A 42 7.00 -8.43 -23.32
N SER A 43 6.35 -9.46 -22.75
CA SER A 43 4.93 -9.65 -23.01
C SER A 43 4.07 -8.84 -22.03
N LEU A 44 4.68 -8.30 -20.96
CA LEU A 44 3.95 -7.44 -20.03
C LEU A 44 3.49 -6.17 -20.73
N LYS A 45 2.27 -5.73 -20.42
CA LYS A 45 1.76 -4.55 -21.10
C LYS A 45 1.99 -3.34 -20.23
N PRO A 46 1.91 -2.12 -20.83
CA PRO A 46 1.90 -0.91 -20.02
C PRO A 46 0.73 -0.97 -19.02
N LEU A 47 0.93 -0.35 -17.86
N LEU A 47 0.96 -0.47 -17.81
CA LEU A 47 -0.12 -0.29 -16.87
CA LEU A 47 -0.17 -0.27 -16.92
C LEU A 47 -1.08 0.85 -17.22
C LEU A 47 -1.12 0.72 -17.58
N SER A 48 -2.39 0.54 -17.24
CA SER A 48 -3.44 1.52 -17.56
C SER A 48 -4.06 1.98 -16.24
N VAL A 49 -3.78 3.22 -15.86
CA VAL A 49 -4.32 3.81 -14.66
C VAL A 49 -5.33 4.87 -15.10
N SER A 50 -6.62 4.64 -14.81
CA SER A 50 -7.68 5.52 -15.28
C SER A 50 -8.36 6.06 -14.04
N TYR A 51 -7.87 7.19 -13.53
CA TYR A 51 -8.32 7.76 -12.28
C TYR A 51 -9.07 9.09 -12.44
N ASP A 52 -9.35 9.53 -13.68
CA ASP A 52 -9.97 10.82 -13.92
C ASP A 52 -11.37 10.93 -13.31
N GLN A 53 -12.09 9.82 -13.14
CA GLN A 53 -13.42 9.95 -12.56
C GLN A 53 -13.48 9.50 -11.10
N ALA A 54 -12.33 9.37 -10.44
CA ALA A 54 -12.32 8.88 -9.07
C ALA A 54 -13.16 9.79 -8.18
N THR A 55 -13.89 9.16 -7.25
CA THR A 55 -14.74 9.83 -6.30
C THR A 55 -14.29 9.46 -4.89
N SER A 56 -13.42 10.27 -4.29
CA SER A 56 -13.05 9.98 -2.91
C SER A 56 -14.24 10.35 -2.02
N LEU A 57 -14.32 9.67 -0.87
CA LEU A 57 -15.45 9.90 0.02
C LEU A 57 -14.97 10.37 1.37
N ARG A 58 -13.97 9.69 1.93
CA ARG A 58 -13.75 9.80 3.35
C ARG A 58 -12.33 9.33 3.66
N ILE A 59 -11.78 9.82 4.77
CA ILE A 59 -10.50 9.36 5.29
C ILE A 59 -10.73 8.85 6.71
N LEU A 60 -10.12 7.69 7.01
CA LEU A 60 -10.38 6.97 8.26
C LEU A 60 -9.07 6.59 8.92
N ASN A 61 -8.90 6.84 10.22
CA ASN A 61 -7.84 6.26 11.02
C ASN A 61 -8.36 4.89 11.51
N ASN A 62 -7.79 3.80 11.02
CA ASN A 62 -8.36 2.51 11.36
C ASN A 62 -7.59 1.86 12.51
N GLY A 63 -6.73 2.64 13.17
CA GLY A 63 -5.93 2.15 14.27
C GLY A 63 -4.56 1.57 13.90
N HIS A 64 -4.30 1.43 12.60
CA HIS A 64 -3.02 0.89 12.14
C HIS A 64 -2.39 1.86 11.13
N ALA A 65 -3.21 2.49 10.29
CA ALA A 65 -2.80 3.47 9.28
C ALA A 65 -4.02 4.38 9.06
N PHE A 66 -3.99 5.19 8.04
CA PHE A 66 -5.19 5.87 7.60
C PHE A 66 -5.57 5.41 6.18
N ASN A 67 -6.89 5.33 5.94
CA ASN A 67 -7.41 4.87 4.67
C ASN A 67 -8.18 6.01 3.97
N VAL A 68 -7.86 6.32 2.71
CA VAL A 68 -8.70 7.20 1.90
C VAL A 68 -9.58 6.31 1.04
N GLU A 69 -10.89 6.43 1.22
CA GLU A 69 -11.84 5.52 0.59
C GLU A 69 -12.50 6.19 -0.61
N PHE A 70 -12.86 5.34 -1.58
CA PHE A 70 -13.48 5.80 -2.81
C PHE A 70 -14.81 5.10 -3.02
N ASP A 71 -15.67 5.75 -3.82
CA ASP A 71 -16.89 5.10 -4.28
C ASP A 71 -16.53 4.07 -5.34
N ASP A 72 -16.70 2.79 -5.01
CA ASP A 72 -16.37 1.72 -5.94
C ASP A 72 -17.65 1.00 -6.40
N SER A 73 -18.78 1.70 -6.43
CA SER A 73 -20.05 1.11 -6.84
C SER A 73 -20.31 1.24 -8.36
N GLN A 74 -19.36 1.80 -9.10
CA GLN A 74 -19.36 1.83 -10.56
C GLN A 74 -17.91 1.87 -11.00
N ASP A 75 -17.61 1.57 -12.28
CA ASP A 75 -16.27 1.68 -12.83
C ASP A 75 -15.97 3.16 -13.02
N LYS A 76 -15.40 3.72 -11.97
CA LYS A 76 -14.93 5.08 -12.01
C LYS A 76 -13.43 4.99 -12.22
N ALA A 77 -12.73 4.73 -11.13
CA ALA A 77 -11.28 4.73 -11.10
C ALA A 77 -10.87 3.27 -11.22
N VAL A 78 -10.15 2.93 -12.29
CA VAL A 78 -9.81 1.53 -12.56
C VAL A 78 -8.36 1.38 -12.98
N LEU A 79 -7.83 0.21 -12.65
CA LEU A 79 -6.53 -0.23 -13.08
C LEU A 79 -6.74 -1.42 -14.01
N LYS A 80 -6.00 -1.42 -15.10
CA LYS A 80 -6.03 -2.56 -16.01
CA LYS A 80 -6.09 -2.53 -16.08
C LYS A 80 -4.71 -2.61 -16.75
N GLY A 81 -4.59 -3.56 -17.67
CA GLY A 81 -3.33 -3.74 -18.37
C GLY A 81 -2.24 -4.25 -17.45
N GLY A 82 -1.01 -3.90 -17.76
CA GLY A 82 0.10 -4.42 -16.99
C GLY A 82 0.06 -5.95 -17.05
N PRO A 83 0.17 -6.65 -15.90
CA PRO A 83 0.07 -8.09 -15.86
C PRO A 83 -1.36 -8.60 -15.73
N LEU A 84 -2.34 -7.68 -15.68
CA LEU A 84 -3.70 -8.03 -15.27
C LEU A 84 -4.52 -8.47 -16.47
N ASP A 85 -5.45 -9.39 -16.18
N ASP A 85 -5.47 -9.37 -16.26
CA ASP A 85 -6.56 -9.75 -17.07
CA ASP A 85 -6.28 -9.71 -17.41
C ASP A 85 -7.82 -9.08 -16.54
C ASP A 85 -7.73 -9.27 -17.16
N GLY A 86 -8.58 -8.40 -17.41
N GLY A 86 -7.94 -8.35 -16.24
CA GLY A 86 -9.81 -7.75 -17.00
CA GLY A 86 -9.28 -7.90 -15.92
C GLY A 86 -9.56 -6.42 -16.28
C GLY A 86 -9.29 -6.41 -15.58
N THR A 87 -10.38 -6.09 -15.28
N THR A 87 -10.49 -5.90 -15.22
CA THR A 87 -10.35 -4.74 -14.77
CA THR A 87 -10.68 -4.53 -14.75
C THR A 87 -10.55 -4.73 -13.26
C THR A 87 -10.76 -4.56 -13.22
N TYR A 88 -9.87 -3.79 -12.61
CA TYR A 88 -9.82 -3.71 -11.17
C TYR A 88 -10.19 -2.31 -10.73
N ARG A 89 -11.14 -2.23 -9.81
CA ARG A 89 -11.68 -0.96 -9.34
C ARG A 89 -11.01 -0.50 -8.07
N LEU A 90 -10.63 0.79 -8.06
CA LEU A 90 -10.02 1.37 -6.87
C LEU A 90 -11.05 1.46 -5.75
N ILE A 91 -10.68 0.91 -4.59
CA ILE A 91 -11.53 1.02 -3.40
C ILE A 91 -10.96 1.95 -2.34
N GLN A 92 -9.61 1.96 -2.17
CA GLN A 92 -9.02 2.78 -1.13
C GLN A 92 -7.53 2.86 -1.38
N PHE A 93 -6.89 3.83 -0.72
CA PHE A 93 -5.46 3.81 -0.58
C PHE A 93 -5.10 4.06 0.88
N HIS A 94 -3.85 3.66 1.20
CA HIS A 94 -3.25 3.89 2.50
C HIS A 94 -1.74 3.89 2.36
N PHE A 95 -1.04 4.18 3.46
CA PHE A 95 0.42 4.16 3.48
C PHE A 95 0.88 3.29 4.64
N HIS A 96 2.16 2.90 4.54
CA HIS A 96 2.94 2.39 5.65
C HIS A 96 4.17 3.28 5.76
N TRP A 97 4.64 3.55 6.97
CA TRP A 97 5.78 4.46 7.14
C TRP A 97 6.51 4.14 8.43
N GLY A 98 7.69 4.78 8.54
CA GLY A 98 8.60 4.48 9.61
C GLY A 98 8.64 5.55 10.69
N SER A 99 9.43 5.25 11.73
CA SER A 99 9.76 6.25 12.76
C SER A 99 10.94 7.15 12.34
N LEU A 100 11.69 6.71 11.32
CA LEU A 100 12.90 7.37 10.81
C LEU A 100 12.84 7.31 9.30
N ASP A 101 13.51 8.23 8.62
CA ASP A 101 13.39 8.31 7.16
C ASP A 101 14.01 7.09 6.50
N GLY A 102 14.89 6.36 7.20
CA GLY A 102 15.52 5.18 6.63
C GLY A 102 14.75 3.86 6.71
N GLN A 103 13.47 3.95 7.03
N GLN A 103 13.52 3.90 7.23
CA GLN A 103 12.68 2.73 7.08
CA GLN A 103 12.68 2.70 7.21
C GLN A 103 11.23 3.13 7.03
C GLN A 103 11.25 3.13 6.99
N GLY A 104 10.39 2.16 6.67
CA GLY A 104 8.97 2.43 6.55
C GLY A 104 8.30 1.70 5.40
N SER A 105 9.03 1.43 4.32
CA SER A 105 8.42 0.68 3.24
C SER A 105 8.31 -0.80 3.61
N GLU A 106 7.39 -1.45 2.91
CA GLU A 106 7.15 -2.89 3.09
C GLU A 106 8.00 -3.66 2.08
N HIS A 107 7.79 -3.39 0.79
CA HIS A 107 8.75 -3.89 -0.20
C HIS A 107 10.08 -3.16 -0.01
N THR A 108 11.16 -3.87 -0.41
CA THR A 108 12.48 -3.29 -0.46
C THR A 108 13.04 -3.53 -1.85
N VAL A 109 14.05 -2.74 -2.23
CA VAL A 109 14.63 -2.88 -3.57
C VAL A 109 16.12 -3.12 -3.36
N ASP A 110 16.61 -4.31 -3.68
CA ASP A 110 18.00 -4.64 -3.36
C ASP A 110 18.30 -4.31 -1.89
N LYS A 111 17.35 -4.65 -1.02
CA LYS A 111 17.42 -4.50 0.43
C LYS A 111 17.23 -3.04 0.88
N LYS A 112 17.12 -2.09 -0.05
CA LYS A 112 16.87 -0.70 0.32
C LYS A 112 15.45 -0.53 0.84
N LYS A 113 15.34 0.11 2.01
CA LYS A 113 14.06 0.54 2.58
CA LYS A 113 14.06 0.54 2.56
C LYS A 113 13.84 2.02 2.26
N TYR A 114 12.62 2.30 1.81
CA TYR A 114 12.17 3.67 1.63
C TYR A 114 11.49 4.20 2.89
N ALA A 115 11.25 5.51 2.94
CA ALA A 115 10.65 6.14 4.11
C ALA A 115 9.20 5.71 4.29
N ALA A 116 8.52 5.34 3.20
CA ALA A 116 7.10 5.00 3.28
C ALA A 116 6.75 4.31 1.98
N GLU A 117 5.54 3.73 1.97
CA GLU A 117 5.03 3.07 0.76
C GLU A 117 3.52 3.31 0.69
N LEU A 118 3.06 3.76 -0.46
CA LEU A 118 1.66 4.00 -0.76
C LEU A 118 1.12 2.74 -1.42
N HIS A 119 -0.07 2.31 -0.97
CA HIS A 119 -0.75 1.15 -1.55
C HIS A 119 -2.12 1.59 -2.02
N LEU A 120 -2.34 1.54 -3.35
CA LEU A 120 -3.64 1.77 -3.97
C LEU A 120 -4.29 0.43 -4.24
N VAL A 121 -5.38 0.15 -3.53
CA VAL A 121 -6.00 -1.17 -3.52
C VAL A 121 -7.17 -1.21 -4.51
N HIS A 122 -7.15 -2.24 -5.36
CA HIS A 122 -8.17 -2.39 -6.39
C HIS A 122 -8.68 -3.83 -6.37
N TRP A 123 -9.97 -4.01 -6.67
CA TRP A 123 -10.54 -5.36 -6.70
C TRP A 123 -11.07 -5.71 -8.09
N ASN A 124 -10.95 -7.01 -8.41
CA ASN A 124 -11.32 -7.51 -9.74
C ASN A 124 -12.84 -7.52 -9.90
N THR A 125 -13.33 -6.72 -10.85
CA THR A 125 -14.77 -6.55 -10.95
C THR A 125 -15.49 -7.85 -11.34
N LYS A 126 -14.79 -8.89 -11.84
CA LYS A 126 -15.50 -10.15 -12.14
C LYS A 126 -16.05 -10.81 -10.88
N TYR A 127 -15.57 -10.42 -9.69
CA TYR A 127 -16.02 -11.04 -8.45
C TYR A 127 -17.09 -10.19 -7.74
N GLY A 128 -17.50 -9.08 -8.36
CA GLY A 128 -18.71 -8.43 -7.89
C GLY A 128 -18.56 -7.49 -6.69
N ASP A 129 -17.85 -7.90 -5.63
CA ASP A 129 -17.59 -7.04 -4.48
C ASP A 129 -16.22 -7.37 -3.92
N PHE A 130 -15.72 -6.47 -3.09
CA PHE A 130 -14.40 -6.61 -2.52
C PHE A 130 -14.33 -7.87 -1.63
N GLY A 131 -15.40 -8.10 -0.83
CA GLY A 131 -15.36 -9.23 0.08
C GLY A 131 -15.26 -10.58 -0.65
N LYS A 132 -15.88 -10.68 -1.83
CA LYS A 132 -15.73 -11.91 -2.62
C LYS A 132 -14.34 -11.94 -3.26
N ALA A 133 -13.88 -10.79 -3.75
CA ALA A 133 -12.58 -10.72 -4.41
C ALA A 133 -11.44 -11.21 -3.53
N VAL A 134 -11.45 -10.89 -2.24
CA VAL A 134 -10.31 -11.26 -1.40
C VAL A 134 -10.24 -12.77 -1.14
N GLN A 135 -11.29 -13.50 -1.53
CA GLN A 135 -11.28 -14.96 -1.42
C GLN A 135 -10.73 -15.65 -2.66
N GLN A 136 -10.21 -14.85 -3.61
CA GLN A 136 -9.78 -15.39 -4.90
C GLN A 136 -8.32 -15.10 -5.14
N PRO A 137 -7.58 -16.00 -5.84
CA PRO A 137 -6.15 -15.79 -6.00
C PRO A 137 -5.78 -14.60 -6.88
N ASP A 138 -6.75 -14.17 -7.73
CA ASP A 138 -6.60 -13.01 -8.58
C ASP A 138 -7.64 -11.95 -8.22
N GLY A 139 -7.96 -11.83 -6.93
CA GLY A 139 -9.03 -10.92 -6.53
C GLY A 139 -8.63 -9.45 -6.47
N LEU A 140 -7.39 -9.17 -6.07
CA LEU A 140 -6.96 -7.79 -5.84
C LEU A 140 -5.73 -7.49 -6.70
N ALA A 141 -5.59 -6.20 -7.02
CA ALA A 141 -4.33 -5.69 -7.56
C ALA A 141 -3.99 -4.49 -6.73
N VAL A 142 -2.79 -4.54 -6.12
CA VAL A 142 -2.34 -3.42 -5.30
C VAL A 142 -1.17 -2.76 -6.02
N LEU A 143 -1.34 -1.45 -6.27
CA LEU A 143 -0.29 -0.66 -6.87
C LEU A 143 0.50 -0.02 -5.71
N GLY A 144 1.79 -0.38 -5.65
CA GLY A 144 2.67 0.12 -4.60
C GLY A 144 3.66 1.14 -5.15
N ILE A 145 3.79 2.22 -4.40
CA ILE A 145 4.63 3.36 -4.78
C ILE A 145 5.49 3.74 -3.59
N PHE A 146 6.80 3.76 -3.80
CA PHE A 146 7.72 4.14 -2.73
C PHE A 146 7.72 5.64 -2.53
N LEU A 147 7.96 6.05 -1.29
CA LEU A 147 8.15 7.46 -0.94
C LEU A 147 9.57 7.61 -0.37
N LYS A 148 10.30 8.58 -0.95
CA LYS A 148 11.57 9.03 -0.38
C LYS A 148 11.40 10.46 0.11
N VAL A 149 12.23 10.84 1.06
CA VAL A 149 12.18 12.19 1.62
C VAL A 149 13.07 13.13 0.82
N GLY A 150 12.49 14.21 0.33
CA GLY A 150 13.21 15.20 -0.45
C GLY A 150 12.32 16.41 -0.64
N SER A 151 12.03 16.73 -1.91
N SER A 151 12.02 16.69 -1.92
CA SER A 151 11.07 17.80 -2.17
CA SER A 151 11.02 17.71 -2.21
C SER A 151 9.63 17.36 -1.87
C SER A 151 9.63 17.30 -1.71
N ALA A 152 8.79 18.31 -1.45
CA ALA A 152 7.38 18.02 -1.17
C ALA A 152 6.65 17.46 -2.39
N LYS A 153 5.61 16.67 -2.09
CA LYS A 153 4.69 16.20 -3.12
C LYS A 153 3.41 17.04 -3.01
N PRO A 154 3.18 18.01 -3.93
CA PRO A 154 2.07 18.93 -3.72
C PRO A 154 0.73 18.18 -3.62
N GLY A 155 0.59 17.10 -4.39
CA GLY A 155 -0.64 16.35 -4.46
C GLY A 155 -0.94 15.54 -3.21
N LEU A 156 0.04 15.46 -2.31
CA LEU A 156 -0.13 14.82 -1.00
C LEU A 156 -0.63 15.80 0.05
N GLN A 157 -0.47 17.11 -0.16
CA GLN A 157 -0.67 18.03 0.96
C GLN A 157 -2.10 18.00 1.48
N LYS A 158 -3.11 17.81 0.62
CA LYS A 158 -4.47 17.75 1.11
C LYS A 158 -4.66 16.61 2.11
N VAL A 159 -3.96 15.50 1.88
CA VAL A 159 -4.03 14.39 2.81
C VAL A 159 -3.37 14.79 4.11
N VAL A 160 -2.16 15.36 4.00
N VAL A 160 -2.13 15.30 4.08
CA VAL A 160 -1.39 15.76 5.17
CA VAL A 160 -1.54 15.54 5.38
C VAL A 160 -2.20 16.68 6.07
C VAL A 160 -2.27 16.66 6.15
N ASP A 161 -2.92 17.61 5.46
CA ASP A 161 -3.56 18.70 6.18
C ASP A 161 -4.80 18.23 6.93
N VAL A 162 -5.37 17.07 6.57
CA VAL A 162 -6.58 16.60 7.22
C VAL A 162 -6.22 15.68 8.40
N LEU A 163 -4.94 15.28 8.53
CA LEU A 163 -4.60 14.25 9.50
C LEU A 163 -4.89 14.66 10.96
N ASP A 164 -4.75 15.94 11.28
CA ASP A 164 -5.03 16.36 12.64
C ASP A 164 -6.50 16.12 13.03
N SER A 165 -7.38 15.94 12.03
CA SER A 165 -8.79 15.71 12.30
C SER A 165 -9.10 14.22 12.52
N ILE A 166 -8.13 13.34 12.23
CA ILE A 166 -8.35 11.91 12.42
C ILE A 166 -7.19 11.35 13.24
N LYS A 167 -6.82 12.08 14.31
CA LYS A 167 -5.61 11.72 15.03
C LYS A 167 -5.62 10.31 15.60
N THR A 168 -6.80 9.89 16.08
CA THR A 168 -6.92 8.67 16.85
C THR A 168 -7.82 7.62 16.17
N LYS A 169 -7.60 6.39 16.60
CA LYS A 169 -8.27 5.21 16.07
C LYS A 169 -9.79 5.39 16.02
N GLY A 170 -10.37 5.16 14.83
CA GLY A 170 -11.81 5.23 14.67
C GLY A 170 -12.34 6.60 14.24
N LYS A 171 -11.47 7.64 14.22
CA LYS A 171 -11.90 8.91 13.67
C LYS A 171 -11.92 8.89 12.15
N SER A 172 -12.91 9.58 11.58
N SER A 172 -12.95 9.54 11.58
CA SER A 172 -13.09 9.66 10.14
CA SER A 172 -12.97 9.79 10.16
C SER A 172 -13.49 11.10 9.78
C SER A 172 -13.23 11.26 9.86
N ALA A 173 -13.14 11.55 8.56
CA ALA A 173 -13.48 12.90 8.11
C ALA A 173 -13.91 12.82 6.65
N ASP A 174 -14.85 13.67 6.24
CA ASP A 174 -15.20 13.79 4.83
C ASP A 174 -13.93 14.11 4.07
N PHE A 175 -13.81 13.50 2.88
CA PHE A 175 -12.60 13.65 2.10
C PHE A 175 -12.97 13.52 0.64
N THR A 176 -13.77 14.46 0.16
CA THR A 176 -14.25 14.39 -1.21
C THR A 176 -13.31 15.15 -2.12
N ASN A 177 -13.42 14.84 -3.41
CA ASN A 177 -12.73 15.56 -4.47
C ASN A 177 -11.22 15.45 -4.37
N PHE A 178 -10.71 14.35 -3.80
CA PHE A 178 -9.27 14.16 -3.79
C PHE A 178 -8.89 13.40 -5.05
N ASP A 179 -7.88 13.90 -5.75
CA ASP A 179 -7.44 13.33 -7.01
C ASP A 179 -6.19 12.48 -6.83
N PRO A 180 -6.28 11.12 -6.85
CA PRO A 180 -5.10 10.29 -6.59
C PRO A 180 -4.05 10.37 -7.69
N ARG A 181 -4.40 10.97 -8.84
CA ARG A 181 -3.37 11.14 -9.88
C ARG A 181 -2.21 11.97 -9.36
N GLY A 182 -2.47 12.86 -8.37
CA GLY A 182 -1.40 13.68 -7.84
C GLY A 182 -0.41 12.92 -6.97
N LEU A 183 -0.57 11.60 -6.77
CA LEU A 183 0.34 10.80 -5.97
C LEU A 183 1.23 9.93 -6.84
N LEU A 184 1.09 10.01 -8.17
CA LEU A 184 1.81 9.10 -9.04
C LEU A 184 3.16 9.70 -9.48
N PRO A 185 4.20 8.90 -9.68
CA PRO A 185 5.44 9.38 -10.30
C PRO A 185 5.23 9.51 -11.80
N GLU A 186 6.30 10.02 -12.42
N GLU A 186 6.26 9.97 -12.55
CA GLU A 186 6.33 10.23 -13.85
CA GLU A 186 6.13 10.15 -14.01
C GLU A 186 6.12 8.91 -14.60
C GLU A 186 6.10 8.82 -14.73
N SER A 187 6.96 7.90 -14.30
CA SER A 187 7.02 6.62 -15.00
C SER A 187 6.05 5.61 -14.38
N LEU A 188 5.46 4.76 -15.23
CA LEU A 188 4.67 3.62 -14.77
C LEU A 188 5.42 2.32 -15.00
N ASP A 189 6.75 2.36 -15.13
CA ASP A 189 7.52 1.11 -15.16
C ASP A 189 7.36 0.41 -13.81
N TYR A 190 7.28 -0.95 -13.85
CA TYR A 190 6.90 -1.66 -12.63
C TYR A 190 7.55 -3.04 -12.56
N TRP A 191 7.55 -3.57 -11.33
CA TRP A 191 7.76 -4.99 -11.08
C TRP A 191 6.41 -5.60 -10.66
N THR A 192 6.27 -6.90 -10.90
CA THR A 192 5.03 -7.57 -10.51
C THR A 192 5.33 -8.99 -10.03
N TYR A 193 4.51 -9.45 -9.08
CA TYR A 193 4.61 -10.83 -8.58
C TYR A 193 3.29 -11.14 -7.86
N PRO A 194 2.99 -12.45 -7.69
CA PRO A 194 1.79 -12.85 -6.92
C PRO A 194 2.07 -12.89 -5.43
N GLY A 195 1.20 -12.24 -4.67
CA GLY A 195 1.42 -12.17 -3.23
C GLY A 195 0.12 -12.10 -2.44
N SER A 196 0.19 -11.35 -1.34
CA SER A 196 -0.82 -11.38 -0.31
C SER A 196 -1.11 -9.98 0.20
N LEU A 197 -2.20 -9.85 0.98
CA LEU A 197 -2.30 -8.70 1.89
C LEU A 197 -1.06 -8.70 2.77
N THR A 198 -0.56 -7.50 3.11
CA THR A 198 0.57 -7.42 4.04
C THR A 198 0.10 -7.25 5.48
N THR A 199 -1.21 -7.20 5.68
CA THR A 199 -1.81 -7.05 7.00
C THR A 199 -2.73 -8.22 7.23
N PRO A 200 -2.93 -8.69 8.48
CA PRO A 200 -3.97 -9.67 8.73
C PRO A 200 -5.25 -9.22 8.06
N PRO A 201 -6.00 -10.14 7.41
CA PRO A 201 -5.83 -11.60 7.47
C PRO A 201 -4.83 -12.23 6.49
N LEU A 202 -4.00 -11.42 5.82
CA LEU A 202 -2.85 -11.94 5.10
C LEU A 202 -3.24 -12.83 3.91
N LEU A 203 -4.44 -12.59 3.36
CA LEU A 203 -5.01 -13.46 2.34
C LEU A 203 -4.17 -13.38 1.07
N GLU A 204 -4.02 -14.53 0.41
CA GLU A 204 -3.16 -14.68 -0.76
C GLU A 204 -3.96 -14.41 -2.03
N CYS A 205 -4.35 -13.16 -2.18
CA CYS A 205 -5.32 -12.73 -3.19
C CYS A 205 -4.82 -11.59 -4.05
N VAL A 206 -3.53 -11.21 -3.92
CA VAL A 206 -3.07 -9.95 -4.52
C VAL A 206 -2.08 -10.18 -5.66
N THR A 207 -2.34 -9.54 -6.80
CA THR A 207 -1.29 -9.28 -7.78
C THR A 207 -0.64 -7.95 -7.43
N TRP A 208 0.64 -8.02 -7.03
CA TRP A 208 1.37 -6.81 -6.66
C TRP A 208 1.96 -6.17 -7.91
N ILE A 209 1.84 -4.85 -7.99
CA ILE A 209 2.44 -4.07 -9.05
C ILE A 209 3.17 -2.94 -8.33
N VAL A 210 4.50 -2.98 -8.32
CA VAL A 210 5.32 -2.02 -7.55
C VAL A 210 6.06 -1.15 -8.57
N LEU A 211 5.80 0.16 -8.48
CA LEU A 211 6.44 1.08 -9.44
C LEU A 211 7.92 1.24 -9.11
N LYS A 212 8.74 1.29 -10.17
CA LYS A 212 10.18 1.53 -10.12
CA LYS A 212 10.17 1.47 -9.93
C LYS A 212 10.51 2.89 -9.49
N GLU A 213 9.78 3.91 -9.94
CA GLU A 213 10.13 5.29 -9.61
C GLU A 213 9.44 5.69 -8.33
N PRO A 214 10.20 6.14 -7.31
N PRO A 214 10.19 6.02 -7.25
CA PRO A 214 9.56 6.63 -6.09
CA PRO A 214 9.57 6.57 -6.05
C PRO A 214 8.97 7.99 -6.37
C PRO A 214 9.09 8.01 -6.23
N ILE A 215 8.09 8.41 -5.44
CA ILE A 215 7.75 9.82 -5.35
C ILE A 215 8.57 10.41 -4.21
N SER A 216 8.73 11.74 -4.28
N SER A 216 8.86 11.71 -4.27
CA SER A 216 9.39 12.52 -3.25
CA SER A 216 9.48 12.34 -3.12
C SER A 216 8.34 13.20 -2.39
C SER A 216 8.44 13.17 -2.41
N VAL A 217 8.52 13.11 -1.07
CA VAL A 217 7.71 13.87 -0.15
C VAL A 217 8.65 14.63 0.77
N SER A 218 8.16 15.70 1.37
CA SER A 218 9.06 16.48 2.23
C SER A 218 9.16 15.87 3.63
N SER A 219 10.21 16.26 4.36
N SER A 219 10.22 16.25 4.33
CA SER A 219 10.38 15.84 5.74
CA SER A 219 10.37 15.82 5.70
C SER A 219 9.18 16.29 6.56
C SER A 219 9.14 16.26 6.50
N GLU A 220 8.62 17.45 6.23
CA GLU A 220 7.48 17.96 6.98
C GLU A 220 6.24 17.11 6.71
N GLN A 221 6.06 16.64 5.47
CA GLN A 221 4.89 15.82 5.16
C GLN A 221 4.95 14.49 5.93
N VAL A 222 6.09 13.80 5.90
CA VAL A 222 6.19 12.54 6.62
C VAL A 222 6.13 12.74 8.14
N LEU A 223 6.67 13.85 8.66
N LEU A 223 6.70 13.86 8.63
CA LEU A 223 6.55 14.08 10.09
CA LEU A 223 6.58 14.21 10.03
C LEU A 223 5.09 14.15 10.53
C LEU A 223 5.12 14.12 10.48
N LYS A 224 4.20 14.68 9.66
CA LYS A 224 2.80 14.73 10.02
C LYS A 224 2.17 13.33 10.06
N PHE A 225 2.59 12.40 9.19
CA PHE A 225 2.15 11.03 9.32
C PHE A 225 2.48 10.49 10.72
N ARG A 226 3.68 10.82 11.18
CA ARG A 226 4.18 10.27 12.42
C ARG A 226 3.53 10.88 13.67
N LYS A 227 2.66 11.90 13.52
CA LYS A 227 1.94 12.47 14.65
C LYS A 227 0.58 11.82 14.85
N LEU A 228 0.19 10.92 13.94
CA LEU A 228 -1.01 10.16 14.12
C LEU A 228 -0.84 9.22 15.30
N ASN A 229 -1.95 8.65 15.76
CA ASN A 229 -1.94 7.78 16.93
C ASN A 229 -2.58 6.44 16.57
N PHE A 230 -1.95 5.38 17.11
CA PHE A 230 -2.57 4.06 17.02
C PHE A 230 -3.73 3.88 18.00
N ASN A 231 -3.64 4.56 19.15
CA ASN A 231 -4.65 4.52 20.20
C ASN A 231 -5.90 5.29 19.81
N GLY A 232 -6.99 4.95 20.54
CA GLY A 232 -8.21 5.72 20.48
C GLY A 232 -8.16 6.94 21.38
N GLU A 233 -9.07 7.89 21.15
CA GLU A 233 -9.19 9.07 21.99
C GLU A 233 -9.40 8.64 23.45
N GLY A 234 -8.72 9.34 24.34
CA GLY A 234 -8.87 9.08 25.77
C GLY A 234 -8.01 7.91 26.24
N GLU A 235 -7.15 7.40 25.34
CA GLU A 235 -6.20 6.39 25.73
C GLU A 235 -4.79 6.98 25.67
N PRO A 236 -3.80 6.32 26.28
CA PRO A 236 -2.44 6.83 26.30
C PRO A 236 -1.91 6.90 24.87
N GLU A 237 -1.10 7.91 24.60
CA GLU A 237 -0.66 8.12 23.24
C GLU A 237 0.40 7.10 22.82
N GLU A 238 0.21 6.43 21.70
N GLU A 238 0.12 6.52 21.64
CA GLU A 238 1.27 5.62 21.13
CA GLU A 238 0.97 5.60 20.90
C GLU A 238 1.32 6.00 19.65
C GLU A 238 1.16 6.22 19.51
N LEU A 239 2.38 6.68 19.24
CA LEU A 239 2.53 7.29 17.93
C LEU A 239 2.42 6.23 16.85
N MET A 240 1.67 6.55 15.80
CA MET A 240 1.51 5.67 14.64
C MET A 240 2.76 5.79 13.76
N VAL A 241 3.71 4.88 14.03
CA VAL A 241 4.98 4.78 13.29
C VAL A 241 5.33 3.30 13.16
N ASP A 242 6.12 2.97 12.14
CA ASP A 242 6.60 1.61 11.96
C ASP A 242 5.44 0.63 11.83
N ASN A 243 4.51 0.98 10.95
CA ASN A 243 3.34 0.14 10.65
C ASN A 243 3.56 -0.66 9.37
N TRP A 244 4.75 -1.25 9.23
CA TRP A 244 5.15 -2.03 8.08
C TRP A 244 5.48 -3.45 8.49
N ARG A 245 5.14 -4.39 7.60
CA ARG A 245 5.59 -5.77 7.70
C ARG A 245 6.91 -5.90 6.98
N PRO A 246 7.92 -6.59 7.56
CA PRO A 246 9.17 -6.81 6.83
C PRO A 246 9.01 -7.78 5.67
N ALA A 247 10.03 -7.81 4.81
CA ALA A 247 10.08 -8.72 3.67
C ALA A 247 9.96 -10.17 4.14
N GLN A 248 9.17 -10.93 3.36
CA GLN A 248 8.90 -12.33 3.59
C GLN A 248 9.61 -13.19 2.55
N PRO A 249 9.74 -14.50 2.80
CA PRO A 249 10.44 -15.37 1.87
C PRO A 249 9.76 -15.39 0.51
N LEU A 250 10.58 -15.31 -0.54
CA LEU A 250 10.05 -15.32 -1.90
C LEU A 250 9.52 -16.70 -2.29
N LYS A 251 10.13 -17.76 -1.76
CA LYS A 251 9.65 -19.14 -2.03
C LYS A 251 9.61 -19.37 -3.54
N ASN A 252 8.56 -20.01 -4.03
CA ASN A 252 8.59 -20.42 -5.41
C ASN A 252 7.89 -19.34 -6.23
N ARG A 253 8.52 -18.11 -6.26
CA ARG A 253 8.00 -17.02 -7.09
C ARG A 253 9.09 -16.35 -7.90
N GLN A 254 8.67 -15.83 -9.05
CA GLN A 254 9.48 -14.99 -9.92
CA GLN A 254 9.50 -14.99 -9.91
C GLN A 254 8.89 -13.59 -9.95
N ILE A 255 9.74 -12.59 -9.73
CA ILE A 255 9.33 -11.21 -9.92
C ILE A 255 9.68 -10.85 -11.37
N LYS A 256 8.70 -10.26 -12.06
CA LYS A 256 8.85 -9.84 -13.44
C LYS A 256 8.97 -8.32 -13.50
N ALA A 257 9.79 -7.82 -14.43
CA ALA A 257 9.95 -6.40 -14.69
C ALA A 257 9.31 -6.05 -16.04
N SER A 258 8.66 -4.88 -16.09
CA SER A 258 8.06 -4.37 -17.32
C SER A 258 9.08 -3.62 -18.16
N PHE A 259 10.32 -3.51 -17.68
CA PHE A 259 11.36 -2.65 -18.22
C PHE A 259 12.67 -3.41 -18.15
ZN ZN B . -0.60 -1.67 2.60
S DMS C . 7.99 -2.64 11.97
O DMS C . 6.80 -3.44 12.69
C1 DMS C . 8.77 -3.99 11.22
C2 DMS C . 9.07 -2.30 13.16
C2 A1IDL D . -3.80 -3.98 2.15
C3 A1IDL D . -4.81 -4.40 1.30
C4 A1IDL D . -6.14 -4.24 1.61
C5 A1IDL D . -6.55 -3.61 2.79
C6 A1IDL D . -5.56 -3.20 3.71
O9 A1IDL D . -2.18 -3.23 0.45
C16 A1IDL D . -8.30 -2.36 4.50
C17 A1IDL D . -7.19 -2.55 5.46
C19 A1IDL D . -4.32 -1.39 6.39
C21 A1IDL D . -2.77 -1.71 8.64
C24 A1IDL D . -3.08 -0.72 6.45
O26 A1IDL D . -8.72 -2.39 1.95
S15 A1IDL D . -8.25 -3.27 3.00
O25 A1IDL D . -8.87 -4.54 3.14
F13 A1IDL D . -7.09 -4.65 0.76
F12 A1IDL D . -4.50 -4.98 0.11
S7 A1IDL D . -2.14 -4.10 1.59
N10 A1IDL D . -1.17 -3.53 2.70
O8 A1IDL D . -1.90 -5.50 1.36
N14 A1IDL D . -5.92 -2.48 4.85
C1 A1IDL D . -4.24 -3.40 3.35
F11 A1IDL D . -3.32 -3.01 4.25
C18 A1IDL D . -5.23 -1.25 5.22
C20 A1IDL D . -2.32 -0.88 7.60
C22 A1IDL D . -3.99 -2.37 8.55
C23 A1IDL D . -4.79 -2.22 7.42
#